data_5G6U
#
_entry.id   5G6U
#
_cell.length_a   79.483
_cell.length_b   79.483
_cell.length_c   90.710
_cell.angle_alpha   90.00
_cell.angle_beta   90.00
_cell.angle_gamma   90.00
#
_symmetry.space_group_name_H-M   'P 42'
#
loop_
_entity.id
_entity.type
_entity.pdbx_description
1 polymer LANGERIN
2 non-polymer TRYPTOPHAN
3 non-polymer 2-deoxy-6-O-sulfo-2-(sulfoamino)-alpha-D-glucopyranose
4 non-polymer 'EUROPIUM ION'
5 non-polymer 'CALCIUM ION'
6 non-polymer 'CHLORIDE ION'
7 water water
#
_entity_poly.entity_id   1
_entity_poly.type   'polypeptide(L)'
_entity_poly.pdbx_seq_one_letter_code
;MGTISDVKTNVQLLKGRVDNISTLDSEIKKNSDGMEAAGVQIQMVNESLGYVRSQFLKLKTSVEKANAQIQILTRSWEEV
STLNAQIPELKSDLEKASALNTKIRALQGSLENMSKLLKRQNDILQVVSQGWKYFKGNFYYFSLIPKTWYSAEQFCVSRN
SHLTSVTSESEQEFLYKTAGGLIYWIGLTKAGMEGDWSWVDDTPFNKVQSVRFWIPGEPNNAGNNEHCGNIKAPSLQAWN
DAPCDKTFLFICKRPYVPSEP
;
_entity_poly.pdbx_strand_id   A,B,C,D
#
# COMPACT_ATOMS: atom_id res chain seq x y z
N SER A 129 17.41 -9.35 -18.39
CA SER A 129 16.68 -10.45 -19.00
C SER A 129 15.95 -10.00 -20.26
N GLN A 130 16.15 -10.73 -21.35
CA GLN A 130 15.36 -10.53 -22.55
C GLN A 130 13.90 -10.85 -22.25
N GLY A 131 13.02 -10.64 -23.21
CA GLY A 131 11.63 -10.96 -23.02
C GLY A 131 10.77 -9.81 -22.54
N TRP A 132 11.34 -8.63 -22.36
CA TRP A 132 10.57 -7.47 -21.96
C TRP A 132 10.27 -6.64 -23.20
N LYS A 133 8.99 -6.45 -23.47
CA LYS A 133 8.52 -5.69 -24.63
C LYS A 133 7.99 -4.34 -24.17
N TYR A 134 8.33 -3.29 -24.92
CA TYR A 134 8.03 -1.93 -24.50
C TYR A 134 6.72 -1.47 -25.12
N PHE A 135 5.90 -0.79 -24.30
CA PHE A 135 4.65 -0.19 -24.79
C PHE A 135 4.28 0.99 -23.89
N LYS A 136 4.33 2.20 -24.44
CA LYS A 136 3.79 3.40 -23.81
C LYS A 136 4.25 3.55 -22.35
N GLY A 137 5.56 3.55 -22.17
CA GLY A 137 6.16 3.85 -20.89
C GLY A 137 6.28 2.70 -19.93
N ASN A 138 5.85 1.49 -20.33
CA ASN A 138 6.02 0.30 -19.51
C ASN A 138 6.64 -0.82 -20.34
N PHE A 139 7.35 -1.71 -19.65
CA PHE A 139 7.85 -2.96 -20.21
C PHE A 139 6.96 -4.11 -19.76
N TYR A 140 6.76 -5.08 -20.64
CA TYR A 140 5.86 -6.21 -20.40
C TYR A 140 6.58 -7.51 -20.66
N TYR A 141 6.39 -8.47 -19.76
CA TYR A 141 7.06 -9.77 -19.80
C TYR A 141 6.00 -10.84 -19.93
N PHE A 142 5.97 -11.52 -21.07
CA PHE A 142 5.06 -12.65 -21.31
C PHE A 142 5.81 -13.93 -20.98
N SER A 143 5.39 -14.60 -19.91
CA SER A 143 6.18 -15.70 -19.36
C SER A 143 6.25 -16.88 -20.32
N LEU A 144 7.26 -17.72 -20.10
CA LEU A 144 7.41 -18.98 -20.79
C LEU A 144 6.99 -20.17 -19.94
N ILE A 145 6.87 -19.97 -18.63
CA ILE A 145 6.57 -21.03 -17.67
C ILE A 145 5.25 -20.67 -17.00
N PRO A 146 4.33 -21.62 -16.84
CA PRO A 146 3.07 -21.33 -16.15
C PRO A 146 3.19 -21.45 -14.65
N LYS A 147 2.39 -20.63 -13.96
CA LYS A 147 2.38 -20.59 -12.51
C LYS A 147 0.96 -20.29 -12.05
N THR A 148 0.71 -20.57 -10.78
CA THR A 148 -0.50 -20.07 -10.16
C THR A 148 -0.48 -18.54 -10.19
N TRP A 149 -1.65 -17.94 -9.94
CA TRP A 149 -1.74 -16.49 -9.98
C TRP A 149 -0.76 -15.85 -9.00
N TYR A 150 -0.74 -16.33 -7.76
CA TYR A 150 0.11 -15.68 -6.77
C TYR A 150 1.59 -15.99 -7.02
N SER A 151 1.92 -17.22 -7.40
CA SER A 151 3.31 -17.54 -7.72
C SER A 151 3.80 -16.73 -8.91
N ALA A 152 2.89 -16.43 -9.85
CA ALA A 152 3.21 -15.52 -10.95
C ALA A 152 3.48 -14.11 -10.45
N GLU A 153 2.61 -13.61 -9.56
CA GLU A 153 2.82 -12.29 -8.99
C GLU A 153 4.16 -12.23 -8.26
N GLN A 154 4.49 -13.27 -7.49
CA GLN A 154 5.76 -13.29 -6.79
C GLN A 154 6.95 -13.25 -7.74
N PHE A 155 6.86 -14.00 -8.85
CA PHE A 155 7.88 -13.89 -9.89
C PHE A 155 7.98 -12.46 -10.39
N CYS A 156 6.84 -11.83 -10.71
CA CYS A 156 6.89 -10.45 -11.18
C CYS A 156 7.57 -9.56 -10.15
N VAL A 157 7.25 -9.75 -8.88
CA VAL A 157 7.83 -8.93 -7.82
C VAL A 157 9.34 -9.14 -7.74
N SER A 158 9.78 -10.40 -7.88
CA SER A 158 11.22 -10.68 -7.89
C SER A 158 11.93 -10.00 -9.05
N ARG A 159 11.19 -9.58 -10.07
CA ARG A 159 11.73 -8.83 -11.20
C ARG A 159 11.32 -7.36 -11.17
N ASN A 160 11.01 -6.83 -9.98
CA ASN A 160 10.69 -5.41 -9.82
C ASN A 160 9.47 -5.02 -10.65
N SER A 161 8.44 -5.87 -10.63
CA SER A 161 7.26 -5.65 -11.45
C SER A 161 6.06 -6.24 -10.73
N HIS A 162 4.91 -6.16 -11.40
CA HIS A 162 3.66 -6.73 -10.94
C HIS A 162 2.94 -7.35 -12.13
N LEU A 163 2.03 -8.29 -11.85
CA LEU A 163 1.11 -8.71 -12.90
C LEU A 163 0.39 -7.49 -13.47
N THR A 164 0.23 -7.48 -14.79
CA THR A 164 -0.14 -6.25 -15.46
C THR A 164 -1.56 -5.82 -15.14
N SER A 165 -1.72 -4.51 -14.99
CA SER A 165 -3.02 -3.86 -15.06
C SER A 165 -3.36 -3.53 -16.52
N VAL A 166 -4.62 -3.22 -16.76
CA VAL A 166 -5.10 -2.82 -18.08
C VAL A 166 -6.00 -1.61 -17.89
N THR A 167 -5.61 -0.48 -18.47
CA THR A 167 -6.30 0.78 -18.26
C THR A 167 -6.64 1.52 -19.55
N SER A 168 -6.50 0.87 -20.71
CA SER A 168 -6.86 1.53 -21.95
C SER A 168 -7.11 0.47 -23.01
N GLU A 169 -7.84 0.88 -24.05
CA GLU A 169 -8.06 0.00 -25.19
C GLU A 169 -6.75 -0.37 -25.87
N SER A 170 -5.86 0.61 -26.06
CA SER A 170 -4.60 0.31 -26.74
C SER A 170 -3.75 -0.65 -25.92
N GLU A 171 -3.81 -0.56 -24.58
CA GLU A 171 -3.06 -1.52 -23.76
C GLU A 171 -3.67 -2.91 -23.89
N GLN A 172 -4.99 -3.01 -23.87
CA GLN A 172 -5.65 -4.30 -24.04
C GLN A 172 -5.32 -4.90 -25.39
N GLU A 173 -5.31 -4.06 -26.44
CA GLU A 173 -4.93 -4.50 -27.78
C GLU A 173 -3.51 -5.02 -27.80
N PHE A 174 -2.57 -4.26 -27.24
CA PHE A 174 -1.19 -4.73 -27.16
C PHE A 174 -1.12 -6.11 -26.52
N LEU A 175 -1.86 -6.30 -25.42
CA LEU A 175 -1.74 -7.54 -24.65
C LEU A 175 -2.29 -8.74 -25.41
N TYR A 176 -3.51 -8.62 -25.95
CA TYR A 176 -4.12 -9.79 -26.58
C TYR A 176 -3.48 -10.10 -27.92
N LYS A 177 -2.98 -9.07 -28.64
CA LYS A 177 -2.24 -9.32 -29.86
C LYS A 177 -0.94 -10.06 -29.56
N THR A 178 -0.22 -9.64 -28.53
CA THR A 178 1.02 -10.32 -28.18
C THR A 178 0.75 -11.73 -27.67
N ALA A 179 -0.35 -11.89 -26.92
CA ALA A 179 -0.67 -13.17 -26.32
C ALA A 179 -0.88 -14.25 -27.37
N GLY A 180 -1.40 -13.87 -28.53
CA GLY A 180 -1.72 -14.86 -29.54
C GLY A 180 -2.82 -15.78 -29.05
N GLY A 181 -2.59 -17.07 -29.11
CA GLY A 181 -3.59 -18.02 -28.66
C GLY A 181 -3.49 -18.44 -27.22
N LEU A 182 -2.48 -17.99 -26.49
CA LEU A 182 -2.19 -18.52 -25.17
C LEU A 182 -2.90 -17.73 -24.07
N ILE A 183 -3.18 -18.42 -22.96
CA ILE A 183 -3.85 -17.82 -21.81
C ILE A 183 -2.79 -17.29 -20.85
N TYR A 184 -2.97 -16.04 -20.40
CA TYR A 184 -2.03 -15.40 -19.48
C TYR A 184 -2.76 -14.81 -18.29
N TRP A 185 -2.30 -15.14 -17.09
CA TRP A 185 -2.71 -14.39 -15.92
C TRP A 185 -2.39 -12.91 -16.09
N ILE A 186 -3.32 -12.05 -15.66
CA ILE A 186 -3.03 -10.63 -15.49
C ILE A 186 -3.31 -10.26 -14.04
N GLY A 187 -3.15 -8.99 -13.69
CA GLY A 187 -3.18 -8.59 -12.28
C GLY A 187 -4.56 -8.43 -11.65
N LEU A 188 -5.57 -9.02 -12.28
CA LEU A 188 -6.95 -8.99 -11.81
C LEU A 188 -7.15 -9.96 -10.65
N THR A 189 -7.65 -9.45 -9.52
CA THR A 189 -7.92 -10.31 -8.38
C THR A 189 -8.98 -9.66 -7.50
N LYS A 190 -9.81 -10.50 -6.88
CA LYS A 190 -10.82 -9.98 -5.97
C LYS A 190 -10.18 -9.53 -4.67
N ALA A 191 -10.71 -8.47 -4.08
CA ALA A 191 -10.18 -7.97 -2.82
C ALA A 191 -11.29 -7.26 -2.05
N GLY A 192 -11.04 -7.07 -0.74
CA GLY A 192 -12.00 -6.44 0.14
C GLY A 192 -13.11 -7.39 0.57
N MET A 193 -13.89 -6.93 1.56
CA MET A 193 -15.00 -7.74 2.04
C MET A 193 -15.99 -8.07 0.93
N GLU A 194 -16.21 -7.12 0.02
CA GLU A 194 -17.18 -7.30 -1.04
C GLU A 194 -16.67 -8.17 -2.17
N GLY A 195 -15.36 -8.43 -2.21
CA GLY A 195 -14.80 -9.22 -3.30
C GLY A 195 -14.92 -8.50 -4.63
N ASP A 196 -14.79 -7.18 -4.62
CA ASP A 196 -14.75 -6.43 -5.87
C ASP A 196 -13.42 -6.69 -6.59
N TRP A 197 -13.47 -6.69 -7.92
CA TRP A 197 -12.26 -6.84 -8.69
C TRP A 197 -11.30 -5.67 -8.44
N SER A 198 -10.01 -5.98 -8.44
CA SER A 198 -8.95 -5.03 -8.11
C SER A 198 -7.72 -5.36 -8.95
N TRP A 199 -6.77 -4.41 -8.98
CA TRP A 199 -5.48 -4.61 -9.63
C TRP A 199 -4.41 -4.80 -8.58
N VAL A 200 -3.60 -5.86 -8.73
CA VAL A 200 -2.57 -6.12 -7.73
C VAL A 200 -1.52 -5.00 -7.71
N ASP A 201 -1.32 -4.27 -8.82
CA ASP A 201 -0.36 -3.17 -8.80
C ASP A 201 -0.94 -1.89 -8.18
N ASP A 202 -2.13 -1.98 -7.61
CA ASP A 202 -2.83 -0.93 -6.85
C ASP A 202 -3.40 0.18 -7.72
N THR A 203 -3.40 0.04 -9.03
CA THR A 203 -4.23 0.90 -9.86
C THR A 203 -5.68 0.81 -9.37
N PRO A 204 -6.32 1.93 -9.03
CA PRO A 204 -7.76 1.86 -8.69
C PRO A 204 -8.55 1.25 -9.83
N PHE A 205 -9.44 0.32 -9.49
CA PHE A 205 -10.21 -0.41 -10.50
C PHE A 205 -11.37 0.46 -10.97
N ASN A 206 -11.49 0.62 -12.27
CA ASN A 206 -12.53 1.44 -12.90
C ASN A 206 -13.49 0.48 -13.58
N LYS A 207 -14.59 0.15 -12.89
CA LYS A 207 -15.52 -0.84 -13.43
C LYS A 207 -16.18 -0.34 -14.71
N VAL A 208 -16.53 0.95 -14.76
CA VAL A 208 -17.15 1.52 -15.96
C VAL A 208 -16.28 1.26 -17.18
N GLN A 209 -15.01 1.62 -17.09
CA GLN A 209 -14.13 1.53 -18.25
C GLN A 209 -13.64 0.11 -18.51
N SER A 210 -13.79 -0.78 -17.53
CA SER A 210 -13.33 -2.15 -17.68
C SER A 210 -14.38 -3.11 -18.22
N VAL A 211 -15.65 -2.70 -18.27
N VAL A 211 -15.66 -2.72 -18.25
CA VAL A 211 -16.72 -3.59 -18.69
CA VAL A 211 -16.71 -3.64 -18.70
C VAL A 211 -16.46 -4.16 -20.08
C VAL A 211 -16.38 -4.19 -20.07
N ARG A 212 -15.88 -3.34 -20.96
CA ARG A 212 -15.66 -3.70 -22.35
C ARG A 212 -14.61 -4.78 -22.55
N PHE A 213 -13.87 -5.14 -21.51
CA PHE A 213 -12.72 -6.03 -21.65
C PHE A 213 -12.99 -7.47 -21.23
N TRP A 214 -14.15 -7.75 -20.64
CA TRP A 214 -14.51 -9.12 -20.28
C TRP A 214 -15.04 -9.88 -21.49
N ILE A 215 -14.72 -11.18 -21.53
CA ILE A 215 -15.39 -12.05 -22.50
C ILE A 215 -16.89 -12.00 -22.25
N PRO A 216 -17.74 -12.02 -23.28
CA PRO A 216 -19.19 -12.03 -23.02
C PRO A 216 -19.57 -13.22 -22.14
N GLY A 217 -20.32 -12.95 -21.09
CA GLY A 217 -20.68 -13.96 -20.12
C GLY A 217 -19.75 -14.05 -18.92
N GLU A 218 -18.59 -13.40 -18.99
CA GLU A 218 -17.66 -13.40 -17.87
C GLU A 218 -17.73 -12.04 -17.16
N PRO A 219 -17.41 -12.00 -15.85
CA PRO A 219 -17.03 -13.13 -15.00
C PRO A 219 -18.24 -13.94 -14.54
N ASN A 220 -18.12 -15.26 -14.52
CA ASN A 220 -19.24 -16.11 -14.13
C ASN A 220 -19.00 -16.86 -12.84
N ASN A 221 -17.82 -16.75 -12.23
CA ASN A 221 -17.53 -17.35 -10.93
C ASN A 221 -17.92 -18.83 -10.90
N ALA A 222 -17.41 -19.57 -11.88
CA ALA A 222 -17.67 -21.01 -11.94
C ALA A 222 -17.27 -21.67 -10.63
N GLY A 223 -18.17 -22.51 -10.09
CA GLY A 223 -17.93 -23.16 -8.83
C GLY A 223 -17.80 -22.23 -7.64
N ASN A 224 -18.14 -20.94 -7.80
CA ASN A 224 -17.98 -19.94 -6.75
C ASN A 224 -16.52 -19.87 -6.28
N ASN A 225 -15.58 -20.07 -7.20
CA ASN A 225 -14.17 -20.20 -6.83
C ASN A 225 -13.24 -19.48 -7.79
N GLU A 226 -13.72 -18.54 -8.58
CA GLU A 226 -12.91 -17.88 -9.61
C GLU A 226 -12.63 -16.44 -9.19
N HIS A 227 -11.53 -16.26 -8.46
CA HIS A 227 -11.25 -15.01 -7.78
C HIS A 227 -10.04 -14.28 -8.37
N CYS A 228 -9.53 -14.75 -9.50
CA CYS A 228 -8.44 -14.11 -10.23
C CYS A 228 -8.80 -14.06 -11.72
N GLY A 229 -8.09 -13.22 -12.47
CA GLY A 229 -8.43 -12.97 -13.87
C GLY A 229 -7.27 -13.21 -14.82
N ASN A 230 -7.60 -13.74 -16.00
CA ASN A 230 -6.62 -13.95 -17.05
C ASN A 230 -7.13 -13.36 -18.35
N ILE A 231 -6.22 -13.18 -19.30
CA ILE A 231 -6.55 -12.87 -20.68
C ILE A 231 -6.64 -14.18 -21.44
N LYS A 232 -7.74 -14.36 -22.13
CA LYS A 232 -8.05 -15.65 -22.75
C LYS A 232 -8.39 -15.57 -24.23
N ALA A 233 -9.20 -14.60 -24.63
CA ALA A 233 -9.67 -14.58 -26.02
C ALA A 233 -8.84 -13.61 -26.86
N PRO A 234 -8.71 -13.87 -28.20
CA PRO A 234 -7.98 -12.96 -29.10
C PRO A 234 -8.82 -11.77 -29.54
N SER A 235 -9.23 -10.96 -28.57
CA SER A 235 -10.16 -9.87 -28.84
C SER A 235 -10.05 -8.86 -27.70
N LEU A 236 -10.61 -7.66 -27.94
CA LEU A 236 -10.71 -6.70 -26.85
C LEU A 236 -11.53 -7.26 -25.71
N GLN A 237 -12.55 -8.06 -26.01
CA GLN A 237 -13.28 -8.78 -24.97
C GLN A 237 -12.52 -10.07 -24.68
N ALA A 238 -11.56 -9.99 -23.74
CA ALA A 238 -10.60 -11.08 -23.54
C ALA A 238 -10.55 -11.65 -22.13
N TRP A 239 -11.01 -10.93 -21.11
CA TRP A 239 -10.77 -11.37 -19.73
C TRP A 239 -11.70 -12.50 -19.32
N ASN A 240 -11.18 -13.37 -18.46
CA ASN A 240 -11.94 -14.44 -17.84
C ASN A 240 -11.55 -14.55 -16.38
N ASP A 241 -12.52 -14.82 -15.50
CA ASP A 241 -12.18 -15.17 -14.13
C ASP A 241 -11.93 -16.67 -14.04
N ALA A 242 -10.96 -17.05 -13.22
CA ALA A 242 -10.59 -18.44 -13.09
C ALA A 242 -10.04 -18.66 -11.70
N PRO A 243 -9.94 -19.91 -11.24
CA PRO A 243 -9.44 -20.16 -9.89
C PRO A 243 -7.97 -19.75 -9.77
N CYS A 244 -7.67 -19.03 -8.69
CA CYS A 244 -6.31 -18.52 -8.51
C CYS A 244 -5.27 -19.63 -8.44
N ASP A 245 -5.68 -20.85 -8.06
CA ASP A 245 -4.73 -21.93 -7.90
C ASP A 245 -4.50 -22.72 -9.18
N LYS A 246 -5.11 -22.31 -10.29
CA LYS A 246 -4.80 -22.90 -11.59
C LYS A 246 -3.53 -22.28 -12.15
N THR A 247 -2.79 -23.06 -12.94
CA THR A 247 -1.51 -22.61 -13.48
C THR A 247 -1.69 -22.18 -14.94
N PHE A 248 -1.19 -20.97 -15.23
CA PHE A 248 -1.18 -20.42 -16.58
C PHE A 248 0.11 -19.62 -16.75
N LEU A 249 0.46 -19.36 -18.01
CA LEU A 249 1.42 -18.31 -18.29
C LEU A 249 0.93 -16.99 -17.70
N PHE A 250 1.81 -15.99 -17.65
CA PHE A 250 1.48 -14.74 -16.98
C PHE A 250 2.21 -13.57 -17.63
N ILE A 251 1.72 -12.35 -17.34
CA ILE A 251 2.25 -11.12 -17.93
C ILE A 251 2.62 -10.15 -16.80
N CYS A 252 3.89 -9.82 -16.70
CA CYS A 252 4.36 -8.78 -15.79
C CYS A 252 4.44 -7.44 -16.50
N LYS A 253 4.32 -6.37 -15.72
CA LYS A 253 4.41 -5.00 -16.22
C LYS A 253 5.28 -4.22 -15.25
N ARG A 254 6.26 -3.48 -15.78
N ARG A 254 6.27 -3.49 -15.79
CA ARG A 254 7.00 -2.59 -14.91
CA ARG A 254 7.11 -2.62 -14.96
C ARG A 254 7.29 -1.29 -15.62
C ARG A 254 7.30 -1.28 -15.64
N PRO A 255 7.20 -0.16 -14.91
CA PRO A 255 7.40 1.14 -15.55
C PRO A 255 8.84 1.34 -15.98
N TYR A 256 9.00 2.09 -17.05
CA TYR A 256 10.30 2.64 -17.41
C TYR A 256 10.44 3.99 -16.71
N VAL A 257 11.58 4.19 -16.06
CA VAL A 257 11.84 5.42 -15.32
C VAL A 257 13.03 6.14 -15.96
N PRO A 258 12.82 7.04 -16.91
CA PRO A 258 13.97 7.75 -17.50
C PRO A 258 14.62 8.67 -16.49
N SER A 259 15.90 8.95 -16.72
CA SER A 259 16.65 9.85 -15.85
C SER A 259 16.35 11.30 -16.20
N GLY B 131 -20.60 19.28 -4.72
CA GLY B 131 -21.15 18.45 -5.77
C GLY B 131 -20.06 17.75 -6.54
N TRP B 132 -20.25 16.47 -6.81
CA TRP B 132 -19.24 15.69 -7.53
C TRP B 132 -19.55 15.69 -9.03
N LYS B 133 -18.51 15.91 -9.83
CA LYS B 133 -18.62 15.94 -11.28
C LYS B 133 -18.12 14.63 -11.87
N TYR B 134 -18.84 14.09 -12.84
CA TYR B 134 -18.56 12.77 -13.38
C TYR B 134 -17.76 12.87 -14.67
N PHE B 135 -16.79 11.98 -14.83
CA PHE B 135 -16.05 11.87 -16.08
C PHE B 135 -15.41 10.50 -16.18
N LYS B 136 -15.79 9.74 -17.20
CA LYS B 136 -15.14 8.48 -17.58
C LYS B 136 -14.89 7.57 -16.37
N GLY B 137 -15.97 7.28 -15.64
CA GLY B 137 -15.97 6.30 -14.59
C GLY B 137 -15.52 6.79 -13.23
N ASN B 138 -15.19 8.07 -13.10
CA ASN B 138 -14.76 8.64 -11.82
C ASN B 138 -15.58 9.89 -11.52
N PHE B 139 -15.71 10.18 -10.23
CA PHE B 139 -16.33 11.42 -9.77
C PHE B 139 -15.25 12.33 -9.19
N TYR B 140 -15.44 13.63 -9.36
CA TYR B 140 -14.44 14.62 -8.99
C TYR B 140 -15.06 15.73 -8.15
N TYR B 141 -14.33 16.18 -7.14
CA TYR B 141 -14.76 17.25 -6.26
C TYR B 141 -13.73 18.37 -6.34
N PHE B 142 -14.17 19.55 -6.81
CA PHE B 142 -13.33 20.75 -6.85
C PHE B 142 -13.65 21.58 -5.62
N SER B 143 -12.68 21.72 -4.72
CA SER B 143 -12.97 22.32 -3.44
C SER B 143 -13.22 23.82 -3.57
N LEU B 144 -13.93 24.36 -2.58
CA LEU B 144 -14.17 25.79 -2.44
C LEU B 144 -13.29 26.42 -1.38
N ILE B 145 -12.62 25.64 -0.54
CA ILE B 145 -11.75 26.21 0.49
C ILE B 145 -10.34 25.67 0.29
N PRO B 146 -9.32 26.49 0.45
CA PRO B 146 -7.95 26.03 0.24
C PRO B 146 -7.40 25.34 1.47
N LYS B 147 -6.47 24.41 1.22
CA LYS B 147 -5.79 23.67 2.27
C LYS B 147 -4.37 23.34 1.80
N THR B 148 -3.53 22.99 2.77
CA THR B 148 -2.26 22.37 2.44
C THR B 148 -2.49 21.05 1.72
N TRP B 149 -1.44 20.55 1.06
CA TRP B 149 -1.59 19.32 0.29
C TRP B 149 -2.10 18.19 1.18
N TYR B 150 -1.50 18.01 2.35
CA TYR B 150 -1.86 16.84 3.15
C TYR B 150 -3.23 17.03 3.81
N SER B 151 -3.55 18.23 4.28
CA SER B 151 -4.89 18.46 4.80
C SER B 151 -5.93 18.29 3.70
N ALA B 152 -5.59 18.66 2.46
CA ALA B 152 -6.48 18.39 1.34
C ALA B 152 -6.67 16.88 1.16
N GLU B 153 -5.57 16.13 1.13
CA GLU B 153 -5.68 14.67 1.01
C GLU B 153 -6.53 14.09 2.13
N GLN B 154 -6.36 14.57 3.36
CA GLN B 154 -7.16 14.05 4.46
C GLN B 154 -8.64 14.36 4.27
N PHE B 155 -8.95 15.54 3.73
CA PHE B 155 -10.34 15.83 3.40
C PHE B 155 -10.87 14.83 2.39
N CYS B 156 -10.10 14.59 1.32
CA CYS B 156 -10.53 13.62 0.32
C CYS B 156 -10.74 12.25 0.94
N VAL B 157 -9.81 11.81 1.80
CA VAL B 157 -9.93 10.50 2.41
C VAL B 157 -11.20 10.41 3.26
N SER B 158 -11.54 11.49 3.97
CA SER B 158 -12.78 11.49 4.76
C SER B 158 -14.02 11.36 3.88
N ARG B 159 -13.89 11.65 2.58
CA ARG B 159 -14.98 11.52 1.62
C ARG B 159 -14.77 10.32 0.70
N ASN B 160 -14.06 9.31 1.17
CA ASN B 160 -13.86 8.07 0.41
C ASN B 160 -13.20 8.33 -0.94
N SER B 161 -12.21 9.22 -0.96
CA SER B 161 -11.55 9.60 -2.20
C SER B 161 -10.08 9.91 -1.92
N HIS B 162 -9.39 10.38 -2.96
CA HIS B 162 -8.00 10.80 -2.88
C HIS B 162 -7.82 12.03 -3.76
N LEU B 163 -6.77 12.80 -3.50
CA LEU B 163 -6.39 13.82 -4.47
C LEU B 163 -6.17 13.15 -5.82
N THR B 164 -6.59 13.82 -6.88
CA THR B 164 -6.80 13.14 -8.15
C THR B 164 -5.49 12.75 -8.82
N SER B 165 -5.48 11.55 -9.41
CA SER B 165 -4.48 11.18 -10.39
C SER B 165 -4.93 11.67 -11.78
N VAL B 166 -3.99 11.62 -12.73
CA VAL B 166 -4.24 12.03 -14.11
C VAL B 166 -3.53 11.03 -15.01
N THR B 167 -4.30 10.30 -15.83
CA THR B 167 -3.74 9.20 -16.60
C THR B 167 -4.05 9.27 -18.10
N SER B 168 -4.57 10.40 -18.58
CA SER B 168 -4.84 10.55 -20.01
C SER B 168 -4.96 12.03 -20.34
N GLU B 169 -4.74 12.33 -21.63
CA GLU B 169 -4.95 13.70 -22.12
C GLU B 169 -6.37 14.16 -21.88
N SER B 170 -7.36 13.27 -22.10
CA SER B 170 -8.75 13.69 -21.94
C SER B 170 -9.07 14.01 -20.48
N GLU B 171 -8.44 13.30 -19.54
CA GLU B 171 -8.66 13.62 -18.13
C GLU B 171 -7.95 14.91 -17.76
N GLN B 172 -6.73 15.11 -18.25
CA GLN B 172 -6.03 16.36 -18.04
C GLN B 172 -6.84 17.54 -18.55
N GLU B 173 -7.44 17.39 -19.73
CA GLU B 173 -8.26 18.46 -20.31
C GLU B 173 -9.52 18.71 -19.49
N PHE B 174 -10.21 17.64 -19.08
CA PHE B 174 -11.38 17.81 -18.23
C PHE B 174 -11.03 18.61 -16.97
N LEU B 175 -9.88 18.30 -16.37
CA LEU B 175 -9.52 18.90 -15.08
C LEU B 175 -9.11 20.37 -15.23
N TYR B 176 -8.24 20.68 -16.20
CA TYR B 176 -7.82 22.08 -16.30
C TYR B 176 -8.95 22.97 -16.81
N LYS B 177 -9.79 22.45 -17.70
CA LYS B 177 -10.92 23.25 -18.17
C LYS B 177 -11.89 23.50 -17.03
N THR B 178 -12.16 22.48 -16.21
CA THR B 178 -13.04 22.68 -15.07
C THR B 178 -12.39 23.61 -14.04
N ALA B 179 -11.07 23.54 -13.89
CA ALA B 179 -10.36 24.41 -12.96
C ALA B 179 -10.49 25.89 -13.31
N GLY B 180 -10.77 26.21 -14.57
CA GLY B 180 -11.10 27.58 -14.92
C GLY B 180 -10.01 28.58 -14.56
N GLY B 181 -8.76 28.17 -14.62
CA GLY B 181 -7.65 29.08 -14.41
C GLY B 181 -7.25 29.29 -12.97
N LEU B 182 -7.87 28.59 -12.02
CA LEU B 182 -7.42 28.60 -10.64
C LEU B 182 -6.52 27.41 -10.37
N ILE B 183 -5.70 27.53 -9.33
CA ILE B 183 -4.70 26.50 -9.01
C ILE B 183 -5.32 25.51 -8.02
N TYR B 184 -5.21 24.22 -8.35
CA TYR B 184 -5.73 23.15 -7.52
C TYR B 184 -4.63 22.12 -7.25
N TRP B 185 -4.46 21.77 -5.97
CA TRP B 185 -3.67 20.60 -5.62
C TRP B 185 -4.21 19.38 -6.33
N ILE B 186 -3.31 18.54 -6.85
CA ILE B 186 -3.70 17.19 -7.27
C ILE B 186 -2.83 16.18 -6.52
N GLY B 187 -2.98 14.89 -6.86
CA GLY B 187 -2.38 13.81 -6.09
C GLY B 187 -0.89 13.59 -6.30
N LEU B 188 -0.21 14.55 -6.93
CA LEU B 188 1.22 14.47 -7.19
C LEU B 188 2.03 14.67 -5.92
N THR B 189 2.87 13.69 -5.58
CA THR B 189 3.77 13.89 -4.46
C THR B 189 4.98 12.99 -4.65
N LYS B 190 6.12 13.42 -4.12
CA LYS B 190 7.34 12.64 -4.23
C LYS B 190 7.31 11.43 -3.30
N ALA B 191 7.92 10.34 -3.75
CA ALA B 191 7.99 9.12 -2.95
C ALA B 191 9.31 8.43 -3.22
N GLY B 192 9.68 7.54 -2.30
CA GLY B 192 10.91 6.80 -2.40
C GLY B 192 12.13 7.63 -2.08
N MET B 193 13.24 6.92 -1.86
CA MET B 193 14.51 7.59 -1.59
C MET B 193 14.92 8.47 -2.78
N GLU B 194 14.53 8.09 -3.99
CA GLU B 194 14.94 8.84 -5.18
C GLU B 194 14.14 10.12 -5.38
N GLY B 195 13.01 10.26 -4.71
CA GLY B 195 12.17 11.43 -4.92
C GLY B 195 11.44 11.42 -6.24
N ASP B 196 11.14 10.24 -6.77
CA ASP B 196 10.36 10.17 -8.00
C ASP B 196 8.93 10.58 -7.70
N TRP B 197 8.30 11.20 -8.69
CA TRP B 197 6.90 11.60 -8.52
C TRP B 197 6.01 10.37 -8.47
N SER B 198 4.93 10.47 -7.70
CA SER B 198 3.99 9.39 -7.48
C SER B 198 2.60 9.98 -7.34
N TRP B 199 1.59 9.11 -7.39
CA TRP B 199 0.20 9.44 -7.15
C TRP B 199 -0.23 8.93 -5.79
N VAL B 200 -0.88 9.80 -5.00
CA VAL B 200 -1.30 9.41 -3.66
C VAL B 200 -2.43 8.38 -3.71
N ASP B 201 -3.18 8.28 -4.81
CA ASP B 201 -4.19 7.24 -4.92
C ASP B 201 -3.60 5.89 -5.34
N ASP B 202 -2.27 5.82 -5.48
CA ASP B 202 -1.49 4.59 -5.72
C ASP B 202 -1.57 4.10 -7.15
N THR B 203 -2.21 4.86 -8.05
CA THR B 203 -1.97 4.65 -9.46
C THR B 203 -0.48 4.65 -9.73
N PRO B 204 0.08 3.61 -10.33
CA PRO B 204 1.49 3.69 -10.73
C PRO B 204 1.74 4.91 -11.61
N PHE B 205 2.81 5.63 -11.31
CA PHE B 205 3.11 6.88 -12.00
C PHE B 205 3.88 6.55 -13.28
N ASN B 206 3.31 6.94 -14.42
CA ASN B 206 3.94 6.70 -15.72
C ASN B 206 4.73 7.95 -16.07
N LYS B 207 6.04 7.93 -15.80
CA LYS B 207 6.84 9.12 -16.02
C LYS B 207 6.95 9.45 -17.50
N VAL B 208 7.04 8.43 -18.36
CA VAL B 208 7.17 8.66 -19.79
C VAL B 208 5.96 9.42 -20.31
N GLN B 209 4.76 8.93 -20.01
CA GLN B 209 3.54 9.49 -20.55
C GLN B 209 3.09 10.74 -19.81
N SER B 210 3.67 11.04 -18.66
CA SER B 210 3.31 12.23 -17.90
C SER B 210 4.14 13.46 -18.23
N VAL B 211 5.27 13.33 -18.92
CA VAL B 211 6.10 14.53 -19.11
C VAL B 211 5.36 15.57 -19.94
N ARG B 212 4.42 15.14 -20.78
CA ARG B 212 3.62 16.08 -21.56
C ARG B 212 2.74 16.97 -20.69
N PHE B 213 2.53 16.63 -19.42
CA PHE B 213 1.56 17.35 -18.58
C PHE B 213 2.19 18.39 -17.68
N TRP B 214 3.52 18.46 -17.59
CA TRP B 214 4.19 19.49 -16.83
C TRP B 214 4.25 20.80 -17.62
N ILE B 215 4.13 21.91 -16.90
CA ILE B 215 4.51 23.20 -17.50
C ILE B 215 5.97 23.12 -17.94
N PRO B 216 6.32 23.61 -19.12
CA PRO B 216 7.74 23.64 -19.51
C PRO B 216 8.60 24.24 -18.41
N GLY B 217 9.70 23.56 -18.09
CA GLY B 217 10.58 23.99 -17.03
C GLY B 217 10.26 23.41 -15.67
N GLU B 218 9.09 22.78 -15.52
CA GLU B 218 8.69 22.12 -14.29
C GLU B 218 8.84 20.61 -14.45
N PRO B 219 9.06 19.90 -13.33
CA PRO B 219 9.24 20.43 -11.98
C PRO B 219 10.65 21.00 -11.79
N ASN B 220 10.74 22.15 -11.12
CA ASN B 220 12.03 22.81 -10.93
C ASN B 220 12.49 22.83 -9.48
N ASN B 221 11.71 22.28 -8.56
CA ASN B 221 12.10 22.12 -7.15
C ASN B 221 12.66 23.42 -6.58
N ALA B 222 11.91 24.52 -6.79
CA ALA B 222 12.34 25.83 -6.29
C ALA B 222 12.64 25.78 -4.80
N GLY B 223 13.80 26.32 -4.42
CA GLY B 223 14.22 26.32 -3.04
C GLY B 223 14.46 24.94 -2.49
N ASN B 224 14.53 23.95 -3.39
CA ASN B 224 14.69 22.55 -3.00
C ASN B 224 13.62 22.16 -1.97
N ASN B 225 12.39 22.66 -2.17
CA ASN B 225 11.33 22.45 -1.20
C ASN B 225 9.96 22.28 -1.86
N GLU B 226 9.90 21.76 -3.08
CA GLU B 226 8.64 21.62 -3.81
C GLU B 226 8.41 20.14 -4.08
N HIS B 227 7.75 19.48 -3.15
CA HIS B 227 7.61 18.02 -3.16
C HIS B 227 6.17 17.58 -3.42
N CYS B 228 5.28 18.51 -3.78
CA CYS B 228 3.90 18.22 -4.14
C CYS B 228 3.58 18.95 -5.44
N GLY B 229 2.50 18.57 -6.10
CA GLY B 229 2.16 19.12 -7.41
C GLY B 229 0.73 19.57 -7.52
N ASN B 230 0.51 20.59 -8.35
CA ASN B 230 -0.84 21.11 -8.58
C ASN B 230 -1.08 21.32 -10.08
N ILE B 231 -2.35 21.47 -10.43
CA ILE B 231 -2.73 21.96 -11.74
C ILE B 231 -2.73 23.48 -11.67
N LYS B 232 -1.91 24.11 -12.51
CA LYS B 232 -1.69 25.54 -12.47
C LYS B 232 -2.08 26.23 -13.77
N ALA B 233 -1.42 25.88 -14.90
CA ALA B 233 -1.70 26.58 -16.15
C ALA B 233 -2.88 25.93 -16.87
N PRO B 234 -3.82 26.74 -17.44
CA PRO B 234 -4.94 26.16 -18.23
C PRO B 234 -4.47 25.72 -19.62
N SER B 235 -3.79 24.58 -19.65
CA SER B 235 -3.23 24.02 -20.87
C SER B 235 -2.95 22.55 -20.58
N LEU B 236 -2.75 21.76 -21.64
CA LEU B 236 -2.32 20.38 -21.39
C LEU B 236 -1.03 20.34 -20.59
N GLN B 237 -0.14 21.31 -20.81
N GLN B 237 -0.13 21.31 -20.82
CA GLN B 237 1.05 21.49 -19.98
CA GLN B 237 1.05 21.49 -19.98
C GLN B 237 0.65 22.37 -18.80
C GLN B 237 0.62 22.36 -18.81
N ALA B 238 0.13 21.72 -17.75
CA ALA B 238 -0.50 22.43 -16.64
C ALA B 238 0.19 22.29 -15.29
N TRP B 239 0.96 21.23 -15.05
CA TRP B 239 1.38 20.91 -13.69
C TRP B 239 2.56 21.77 -13.23
N ASN B 240 2.55 22.06 -11.93
CA ASN B 240 3.66 22.73 -11.25
C ASN B 240 3.92 22.02 -9.93
N ASP B 241 5.21 21.83 -9.59
CA ASP B 241 5.54 21.42 -8.23
C ASP B 241 5.62 22.66 -7.35
N ALA B 242 5.10 22.54 -6.13
CA ALA B 242 5.05 23.65 -5.19
C ALA B 242 5.25 23.11 -3.78
N PRO B 243 5.55 23.98 -2.82
CA PRO B 243 5.75 23.50 -1.44
C PRO B 243 4.47 22.88 -0.87
N CYS B 244 4.62 21.69 -0.29
CA CYS B 244 3.46 20.96 0.22
C CYS B 244 2.69 21.74 1.27
N ASP B 245 3.34 22.68 1.95
CA ASP B 245 2.72 23.45 3.02
C ASP B 245 2.01 24.71 2.53
N LYS B 246 2.01 24.98 1.23
CA LYS B 246 1.21 26.08 0.71
C LYS B 246 -0.25 25.65 0.59
N THR B 247 -1.15 26.63 0.69
N THR B 247 -1.16 26.62 0.71
CA THR B 247 -2.58 26.38 0.69
CA THR B 247 -2.58 26.35 0.70
C THR B 247 -3.17 26.69 -0.69
C THR B 247 -3.17 26.69 -0.68
N PHE B 248 -3.82 25.70 -1.29
CA PHE B 248 -4.53 25.88 -2.56
C PHE B 248 -5.87 25.16 -2.46
N LEU B 249 -6.79 25.53 -3.34
CA LEU B 249 -7.91 24.66 -3.64
C LEU B 249 -7.38 23.28 -4.06
N PHE B 250 -8.27 22.28 -4.10
CA PHE B 250 -7.83 20.92 -4.38
C PHE B 250 -8.94 20.12 -5.06
N ILE B 251 -8.53 19.06 -5.76
CA ILE B 251 -9.43 18.19 -6.51
C ILE B 251 -9.33 16.77 -5.94
N CYS B 252 -10.47 16.23 -5.51
CA CYS B 252 -10.58 14.84 -5.10
C CYS B 252 -11.12 13.99 -6.25
N LYS B 253 -10.75 12.71 -6.27
CA LYS B 253 -11.20 11.78 -7.28
C LYS B 253 -11.60 10.46 -6.64
N ARG B 254 -12.74 9.92 -7.05
CA ARG B 254 -13.09 8.59 -6.60
C ARG B 254 -13.83 7.84 -7.70
N PRO B 255 -13.51 6.56 -7.93
CA PRO B 255 -14.20 5.81 -8.97
C PRO B 255 -15.64 5.55 -8.58
N TYR B 256 -16.49 5.44 -9.60
CA TYR B 256 -17.82 4.89 -9.38
C TYR B 256 -17.70 3.41 -9.05
N VAL B 257 -18.28 3.02 -7.92
CA VAL B 257 -18.29 1.62 -7.50
C VAL B 257 -19.75 1.21 -7.31
N PRO B 258 -20.31 0.36 -8.18
CA PRO B 258 -21.69 -0.10 -7.94
C PRO B 258 -21.86 -0.74 -6.57
N GLY C 131 -14.95 -20.00 15.00
CA GLY C 131 -14.91 -18.91 15.94
C GLY C 131 -13.56 -18.21 15.95
N TRP C 132 -13.57 -16.93 16.35
CA TRP C 132 -12.35 -16.15 16.46
C TRP C 132 -11.89 -16.16 17.90
N LYS C 133 -10.57 -16.09 18.09
CA LYS C 133 -9.95 -16.05 19.40
C LYS C 133 -9.32 -14.69 19.64
N TYR C 134 -9.45 -14.17 20.85
CA TYR C 134 -9.02 -12.81 21.15
C TYR C 134 -7.70 -12.80 21.90
N PHE C 135 -6.76 -11.97 21.43
CA PHE C 135 -5.47 -11.81 22.09
C PHE C 135 -4.93 -10.42 21.83
N LYS C 136 -4.80 -9.63 22.90
CA LYS C 136 -4.13 -8.33 22.89
C LYS C 136 -4.57 -7.45 21.71
N GLY C 137 -5.87 -7.18 21.67
CA GLY C 137 -6.40 -6.22 20.72
C GLY C 137 -6.67 -6.76 19.33
N ASN C 138 -6.42 -8.04 19.08
CA ASN C 138 -6.70 -8.64 17.79
C ASN C 138 -7.50 -9.92 17.97
N PHE C 139 -8.32 -10.22 16.97
CA PHE C 139 -9.00 -11.50 16.85
C PHE C 139 -8.26 -12.37 15.83
N TYR C 140 -8.26 -13.68 16.07
CA TYR C 140 -7.52 -14.63 15.27
C TYR C 140 -8.43 -15.78 14.87
N TYR C 141 -8.35 -16.18 13.61
CA TYR C 141 -9.14 -17.27 13.06
C TYR C 141 -8.20 -18.41 12.67
N PHE C 142 -8.33 -19.54 13.37
CA PHE C 142 -7.56 -20.75 13.06
C PHE C 142 -8.45 -21.64 12.20
N SER C 143 -8.11 -21.74 10.91
CA SER C 143 -9.00 -22.38 9.96
C SER C 143 -9.15 -23.87 10.24
N LEU C 144 -10.26 -24.42 9.77
CA LEU C 144 -10.50 -25.85 9.83
C LEU C 144 -10.25 -26.53 8.49
N ILE C 145 -10.15 -25.78 7.39
N ILE C 145 -10.14 -25.77 7.41
CA ILE C 145 -9.91 -26.40 6.09
CA ILE C 145 -9.93 -26.28 6.06
C ILE C 145 -8.66 -25.78 5.46
C ILE C 145 -8.58 -25.79 5.58
N PRO C 146 -7.81 -26.57 4.82
CA PRO C 146 -6.56 -26.05 4.27
C PRO C 146 -6.75 -25.39 2.92
N LYS C 147 -5.88 -24.41 2.65
CA LYS C 147 -5.85 -23.71 1.37
C LYS C 147 -4.40 -23.37 1.01
N THR C 148 -4.20 -23.01 -0.25
CA THR C 148 -2.93 -22.40 -0.64
C THR C 148 -2.76 -21.09 0.11
N TRP C 149 -1.52 -20.59 0.13
CA TRP C 149 -1.25 -19.35 0.86
C TRP C 149 -2.15 -18.22 0.37
N TYR C 150 -2.25 -18.03 -0.95
CA TYR C 150 -3.02 -16.89 -1.45
C TYR C 150 -4.51 -17.11 -1.33
N SER C 151 -4.99 -18.33 -1.53
CA SER C 151 -6.41 -18.58 -1.32
C SER C 151 -6.79 -18.39 0.13
N ALA C 152 -5.88 -18.74 1.05
CA ALA C 152 -6.07 -18.42 2.46
C ALA C 152 -6.15 -16.91 2.68
N GLU C 153 -5.22 -16.15 2.09
CA GLU C 153 -5.25 -14.70 2.26
C GLU C 153 -6.58 -14.12 1.74
N GLN C 154 -7.05 -14.59 0.58
CA GLN C 154 -8.32 -14.11 0.06
C GLN C 154 -9.47 -14.45 1.01
N PHE C 155 -9.45 -15.63 1.61
CA PHE C 155 -10.45 -15.93 2.63
C PHE C 155 -10.37 -14.92 3.76
N CYS C 156 -9.15 -14.66 4.27
CA CYS C 156 -9.01 -13.67 5.33
C CYS C 156 -9.54 -12.31 4.90
N VAL C 157 -9.20 -11.89 3.68
CA VAL C 157 -9.65 -10.59 3.18
C VAL C 157 -11.17 -10.54 3.12
N SER C 158 -11.83 -11.63 2.72
CA SER C 158 -13.28 -11.65 2.68
C SER C 158 -13.88 -11.52 4.07
N ARG C 159 -13.11 -11.80 5.11
CA ARG C 159 -13.49 -11.61 6.50
C ARG C 159 -12.87 -10.37 7.13
N ASN C 160 -12.50 -9.39 6.31
CA ASN C 160 -11.95 -8.12 6.80
C ASN C 160 -10.70 -8.35 7.65
N SER C 161 -9.84 -9.26 7.20
CA SER C 161 -8.65 -9.60 7.95
C SER C 161 -7.52 -9.92 6.98
N HIS C 162 -6.40 -10.36 7.53
CA HIS C 162 -5.23 -10.75 6.78
C HIS C 162 -4.60 -11.97 7.44
N LEU C 163 -3.87 -12.76 6.66
CA LEU C 163 -3.01 -13.77 7.28
C LEU C 163 -2.14 -13.08 8.32
N THR C 164 -1.96 -13.73 9.46
CA THR C 164 -1.47 -13.03 10.63
C THR C 164 0.00 -12.63 10.50
N SER C 165 0.31 -11.45 10.99
CA SER C 165 1.69 -11.06 11.26
C SER C 165 2.08 -11.53 12.67
N VAL C 166 3.38 -11.48 12.96
CA VAL C 166 3.92 -11.87 14.26
C VAL C 166 4.98 -10.85 14.63
N THR C 167 4.76 -10.11 15.72
CA THR C 167 5.64 -9.01 16.08
C THR C 167 6.05 -9.00 17.56
N SER C 168 5.80 -10.08 18.29
CA SER C 168 6.26 -10.16 19.67
C SER C 168 6.38 -11.63 20.05
N GLU C 169 7.22 -11.89 21.05
CA GLU C 169 7.32 -13.25 21.58
C GLU C 169 5.99 -13.72 22.16
N SER C 170 5.23 -12.81 22.79
CA SER C 170 3.96 -13.21 23.37
C SER C 170 2.95 -13.57 22.28
N GLU C 171 3.00 -12.88 21.14
CA GLU C 171 2.12 -13.25 20.02
C GLU C 171 2.59 -14.55 19.38
N GLN C 172 3.90 -14.72 19.19
CA GLN C 172 4.41 -15.99 18.69
C GLN C 172 3.99 -17.13 19.59
N GLU C 173 4.11 -16.94 20.91
CA GLU C 173 3.74 -17.97 21.88
C GLU C 173 2.26 -18.28 21.81
N PHE C 174 1.42 -17.24 21.72
CA PHE C 174 -0.01 -17.45 21.61
C PHE C 174 -0.36 -18.28 20.39
N LEU C 175 0.27 -17.99 19.26
CA LEU C 175 -0.06 -18.68 18.01
C LEU C 175 0.41 -20.13 18.03
N TYR C 176 1.62 -20.41 18.49
CA TYR C 176 2.08 -21.79 18.43
C TYR C 176 1.39 -22.64 19.49
N LYS C 177 1.10 -22.06 20.65
CA LYS C 177 0.33 -22.80 21.64
C LYS C 177 -1.07 -23.13 21.12
N THR C 178 -1.73 -22.14 20.52
CA THR C 178 -3.06 -22.39 19.96
C THR C 178 -3.00 -23.36 18.77
N ALA C 179 -1.92 -23.32 17.98
CA ALA C 179 -1.81 -24.20 16.82
C ALA C 179 -1.76 -25.68 17.20
N GLY C 180 -1.35 -26.00 18.43
CA GLY C 180 -1.43 -27.38 18.90
C GLY C 180 -0.58 -28.36 18.13
N GLY C 181 0.55 -27.91 17.58
CA GLY C 181 1.44 -28.77 16.81
C GLY C 181 1.07 -28.96 15.35
N LEU C 182 0.01 -28.32 14.87
CA LEU C 182 -0.34 -28.39 13.47
C LEU C 182 0.24 -27.19 12.72
N ILE C 183 0.42 -27.37 11.40
CA ILE C 183 1.03 -26.34 10.56
C ILE C 183 -0.04 -25.40 10.04
N TYR C 184 0.20 -24.10 10.17
CA TYR C 184 -0.71 -23.06 9.70
C TYR C 184 0.06 -22.02 8.90
N TRP C 185 -0.44 -21.70 7.72
CA TRP C 185 0.03 -20.52 7.01
C TRP C 185 -0.10 -19.28 7.87
N ILE C 186 0.92 -18.42 7.84
CA ILE C 186 0.81 -17.08 8.41
C ILE C 186 1.16 -16.08 7.30
N GLY C 187 1.18 -14.79 7.63
CA GLY C 187 1.28 -13.74 6.62
C GLY C 187 2.67 -13.51 6.04
N LEU C 188 3.57 -14.48 6.22
CA LEU C 188 4.94 -14.36 5.75
C LEU C 188 5.03 -14.64 4.25
N THR C 189 5.63 -13.72 3.49
CA THR C 189 5.83 -13.95 2.07
C THR C 189 6.94 -13.03 1.57
N LYS C 190 7.62 -13.47 0.51
CA LYS C 190 8.73 -12.69 -0.03
C LYS C 190 8.22 -11.49 -0.84
N ALA C 191 9.02 -10.42 -0.84
CA ALA C 191 8.74 -9.22 -1.62
C ALA C 191 10.06 -8.56 -2.04
N GLY C 192 9.99 -7.80 -3.12
CA GLY C 192 11.15 -7.10 -3.64
C GLY C 192 12.06 -8.01 -4.44
N MET C 193 12.95 -7.36 -5.22
CA MET C 193 13.93 -8.11 -5.99
C MET C 193 14.83 -8.95 -5.10
N GLU C 194 15.02 -8.53 -3.85
CA GLU C 194 15.95 -9.19 -2.95
C GLU C 194 15.42 -10.49 -2.38
N GLY C 195 14.14 -10.79 -2.55
CA GLY C 195 13.56 -11.90 -1.84
C GLY C 195 13.44 -11.65 -0.35
N ASP C 196 13.42 -10.39 0.07
CA ASP C 196 13.23 -10.07 1.48
C ASP C 196 11.85 -10.55 1.92
N TRP C 197 11.80 -11.09 3.13
CA TRP C 197 10.53 -11.48 3.70
C TRP C 197 9.73 -10.24 4.07
N SER C 198 8.41 -10.41 4.08
CA SER C 198 7.48 -9.31 4.33
C SER C 198 6.21 -9.88 4.94
N TRP C 199 5.37 -8.99 5.44
CA TRP C 199 4.08 -9.35 6.01
C TRP C 199 2.99 -8.85 5.09
N VAL C 200 2.03 -9.73 4.76
CA VAL C 200 0.97 -9.34 3.84
C VAL C 200 0.06 -8.26 4.45
N ASP C 201 -0.02 -8.14 5.78
CA ASP C 201 -0.81 -7.06 6.37
C ASP C 201 -0.05 -5.74 6.42
N ASP C 202 1.15 -5.71 5.85
CA ASP C 202 1.98 -4.53 5.62
C ASP C 202 2.67 -4.06 6.90
N THR C 203 2.63 -4.84 7.97
CA THR C 203 3.56 -4.62 9.06
C THR C 203 4.99 -4.63 8.51
N PRO C 204 5.80 -3.62 8.80
CA PRO C 204 7.21 -3.70 8.42
C PRO C 204 7.87 -4.95 8.99
N PHE C 205 8.63 -5.65 8.15
CA PHE C 205 9.33 -6.86 8.58
C PHE C 205 10.68 -6.47 9.17
N ASN C 206 10.95 -6.96 10.37
CA ASN C 206 12.16 -6.60 11.11
C ASN C 206 13.05 -7.84 11.20
N LYS C 207 14.11 -7.86 10.39
CA LYS C 207 14.98 -9.03 10.30
C LYS C 207 15.62 -9.35 11.64
N VAL C 208 16.13 -8.34 12.33
CA VAL C 208 16.82 -8.56 13.60
C VAL C 208 15.84 -9.12 14.63
N GLN C 209 14.68 -8.50 14.77
CA GLN C 209 13.72 -8.95 15.78
C GLN C 209 13.15 -10.32 15.46
N SER C 210 13.03 -10.68 14.18
CA SER C 210 12.34 -11.89 13.76
C SER C 210 13.26 -13.08 13.58
N VAL C 211 14.58 -12.87 13.55
CA VAL C 211 15.48 -13.96 13.17
C VAL C 211 15.36 -15.12 14.14
N ARG C 212 14.98 -14.85 15.40
CA ARG C 212 14.85 -15.91 16.38
C ARG C 212 13.52 -16.65 16.31
N PHE C 213 12.63 -16.30 15.38
CA PHE C 213 11.35 -16.98 15.26
C PHE C 213 11.35 -18.09 14.23
N TRP C 214 12.41 -18.24 13.46
CA TRP C 214 12.54 -19.33 12.49
C TRP C 214 13.00 -20.63 13.16
N ILE C 215 12.52 -21.75 12.64
CA ILE C 215 13.13 -23.05 12.95
C ILE C 215 14.60 -23.01 12.58
N PRO C 216 15.51 -23.52 13.40
CA PRO C 216 16.93 -23.49 13.02
C PRO C 216 17.18 -24.15 11.67
N GLY C 217 17.92 -23.43 10.81
CA GLY C 217 18.14 -23.86 9.45
C GLY C 217 17.15 -23.30 8.45
N GLU C 218 16.04 -22.74 8.92
CA GLU C 218 15.07 -22.08 8.06
C GLU C 218 15.29 -20.56 8.13
N PRO C 219 14.93 -19.84 7.05
CA PRO C 219 14.41 -20.36 5.79
C PRO C 219 15.52 -20.96 4.94
N ASN C 220 15.27 -22.11 4.34
CA ASN C 220 16.27 -22.77 3.51
C ASN C 220 15.89 -22.80 2.03
N ASN C 221 14.77 -22.18 1.66
CA ASN C 221 14.31 -22.10 0.27
C ASN C 221 14.57 -23.42 -0.46
N ALA C 222 14.11 -24.51 0.16
CA ALA C 222 14.27 -25.83 -0.43
C ALA C 222 13.63 -25.88 -1.82
N GLY C 223 14.29 -26.57 -2.74
CA GLY C 223 13.81 -26.63 -4.10
C GLY C 223 13.76 -25.30 -4.81
N ASN C 224 14.24 -24.22 -4.20
CA ASN C 224 14.27 -22.91 -4.85
C ASN C 224 12.85 -22.37 -5.07
N ASN C 225 11.89 -22.83 -4.24
CA ASN C 225 10.48 -22.59 -4.52
C ASN C 225 9.66 -22.44 -3.24
N GLU C 226 10.24 -21.85 -2.20
CA GLU C 226 9.57 -21.70 -0.90
C GLU C 226 9.51 -20.22 -0.55
N HIS C 227 8.46 -19.55 -1.00
CA HIS C 227 8.36 -18.11 -0.97
C HIS C 227 7.27 -17.61 -0.02
N CYS C 228 6.68 -18.52 0.76
CA CYS C 228 5.72 -18.20 1.80
C CYS C 228 6.12 -18.90 3.09
N GLY C 229 5.54 -18.47 4.21
CA GLY C 229 5.92 -19.00 5.51
C GLY C 229 4.73 -19.43 6.33
N ASN C 230 4.97 -20.47 7.15
CA ASN C 230 3.97 -21.00 8.07
C ASN C 230 4.55 -21.15 9.47
N ILE C 231 3.65 -21.33 10.44
CA ILE C 231 4.00 -21.77 11.79
C ILE C 231 3.97 -23.28 11.83
N LYS C 232 5.06 -23.90 12.24
CA LYS C 232 5.20 -25.35 12.16
C LYS C 232 5.60 -25.97 13.50
N ALA C 233 6.72 -25.55 14.07
CA ALA C 233 7.18 -26.21 15.28
C ALA C 233 6.60 -25.52 16.52
N PRO C 234 6.24 -26.29 17.58
CA PRO C 234 5.69 -25.65 18.79
C PRO C 234 6.75 -25.13 19.73
N SER C 235 7.34 -24.00 19.36
CA SER C 235 8.28 -23.27 20.18
C SER C 235 8.45 -21.89 19.56
N LEU C 236 9.20 -21.02 20.25
CA LEU C 236 9.45 -19.71 19.69
C LEU C 236 10.12 -19.82 18.32
N GLN C 237 10.97 -20.84 18.14
N GLN C 237 10.99 -20.82 18.15
CA GLN C 237 11.58 -21.12 16.84
CA GLN C 237 11.58 -21.09 16.83
C GLN C 237 10.61 -21.99 16.06
C GLN C 237 10.60 -21.98 16.07
N ALA C 238 9.62 -21.34 15.44
CA ALA C 238 8.46 -22.02 14.87
C ALA C 238 8.33 -21.96 13.36
N TRP C 239 8.86 -20.93 12.71
CA TRP C 239 8.51 -20.68 11.31
C TRP C 239 9.28 -21.58 10.35
N ASN C 240 8.60 -21.97 9.27
CA ASN C 240 9.21 -22.64 8.13
C ASN C 240 8.76 -21.94 6.85
N ASP C 241 9.66 -21.85 5.86
CA ASP C 241 9.27 -21.41 4.53
C ASP C 241 8.84 -22.64 3.73
N ALA C 242 7.81 -22.48 2.92
CA ALA C 242 7.22 -23.58 2.17
C ALA C 242 6.69 -23.04 0.85
N PRO C 243 6.43 -23.90 -0.12
CA PRO C 243 5.92 -23.41 -1.42
C PRO C 243 4.53 -22.82 -1.26
N CYS C 244 4.32 -21.66 -1.89
CA CYS C 244 3.05 -20.95 -1.68
C CYS C 244 1.85 -21.73 -2.19
N ASP C 245 2.07 -22.67 -3.11
CA ASP C 245 0.97 -23.43 -3.68
C ASP C 245 0.67 -24.72 -2.92
N LYS C 246 1.32 -24.95 -1.78
CA LYS C 246 0.98 -26.08 -0.93
C LYS C 246 -0.21 -25.70 -0.07
N THR C 247 -1.04 -26.68 0.30
CA THR C 247 -2.25 -26.41 1.06
C THR C 247 -2.01 -26.72 2.53
N PHE C 248 -2.32 -25.76 3.40
CA PHE C 248 -2.23 -25.90 4.85
C PHE C 248 -3.42 -25.19 5.47
N LEU C 249 -3.73 -25.55 6.71
CA LEU C 249 -4.55 -24.68 7.54
C LEU C 249 -3.90 -23.29 7.61
N PHE C 250 -4.69 -22.29 8.04
CA PHE C 250 -4.19 -20.91 8.02
C PHE C 250 -4.78 -20.12 9.18
N ILE C 251 -4.12 -19.01 9.51
CA ILE C 251 -4.50 -18.13 10.62
C ILE C 251 -4.72 -16.71 10.08
N CYS C 252 -5.95 -16.21 10.24
CA CYS C 252 -6.25 -14.80 9.96
C CYS C 252 -6.15 -13.98 11.24
N LYS C 253 -5.86 -12.69 11.07
CA LYS C 253 -5.77 -11.72 12.16
C LYS C 253 -6.56 -10.47 11.78
N ARG C 254 -7.44 -10.03 12.69
CA ARG C 254 -8.29 -8.87 12.47
C ARG C 254 -8.23 -7.96 13.69
N PRO C 255 -7.94 -6.66 13.54
CA PRO C 255 -7.95 -5.78 14.71
C PRO C 255 -9.35 -5.63 15.28
N TYR C 256 -9.43 -5.53 16.61
CA TYR C 256 -10.65 -5.06 17.25
C TYR C 256 -10.59 -3.54 17.30
N VAL C 257 -11.63 -2.89 16.79
CA VAL C 257 -11.70 -1.45 16.72
C VAL C 257 -12.92 -0.99 17.53
N PRO C 258 -12.71 -0.54 18.78
CA PRO C 258 -13.81 0.06 19.54
C PRO C 258 -14.39 1.28 18.84
N GLY D 131 23.70 10.50 12.66
CA GLY D 131 22.77 11.05 13.62
C GLY D 131 21.69 10.07 14.05
N TRP D 132 21.73 8.87 13.49
CA TRP D 132 20.70 7.88 13.77
C TRP D 132 21.06 7.08 15.03
N LYS D 133 20.06 6.82 15.85
CA LYS D 133 20.19 6.06 17.08
C LYS D 133 19.54 4.69 16.88
N TYR D 134 20.23 3.64 17.33
CA TYR D 134 19.78 2.27 17.12
C TYR D 134 19.03 1.75 18.33
N PHE D 135 17.93 1.03 18.08
CA PHE D 135 17.18 0.37 19.13
C PHE D 135 16.43 -0.82 18.55
N LYS D 136 16.79 -2.02 19.00
CA LYS D 136 16.09 -3.25 18.66
C LYS D 136 15.76 -3.33 17.17
N GLY D 137 16.82 -3.35 16.36
CA GLY D 137 16.69 -3.61 14.93
C GLY D 137 16.12 -2.47 14.10
N ASN D 138 16.03 -1.26 14.67
CA ASN D 138 15.58 -0.09 13.93
C ASN D 138 16.49 1.08 14.28
N PHE D 139 16.68 1.97 13.31
CA PHE D 139 17.38 3.23 13.49
C PHE D 139 16.37 4.37 13.60
N TYR D 140 16.66 5.33 14.49
CA TYR D 140 15.75 6.44 14.74
C TYR D 140 16.49 7.77 14.60
N TYR D 141 15.81 8.74 13.98
CA TYR D 141 16.35 10.07 13.71
C TYR D 141 15.48 11.08 14.44
N PHE D 142 16.06 11.76 15.43
CA PHE D 142 15.37 12.82 16.15
C PHE D 142 15.81 14.15 15.54
N SER D 143 14.88 14.81 14.85
CA SER D 143 15.25 16.00 14.09
C SER D 143 15.65 17.16 14.99
N LEU D 144 16.47 18.04 14.44
CA LEU D 144 16.76 19.34 15.03
C LEU D 144 15.96 20.47 14.40
N ILE D 145 15.29 20.21 13.27
CA ILE D 145 14.50 21.22 12.56
C ILE D 145 13.04 20.84 12.69
N PRO D 146 12.14 21.80 12.96
CA PRO D 146 10.71 21.48 12.99
C PRO D 146 10.06 21.61 11.62
N LYS D 147 9.10 20.73 11.37
CA LYS D 147 8.36 20.72 10.11
C LYS D 147 6.91 20.38 10.40
N THR D 148 6.04 20.66 9.43
CA THR D 148 4.69 20.14 9.48
C THR D 148 4.75 18.62 9.45
N TRP D 149 3.64 17.97 9.81
CA TRP D 149 3.62 16.51 9.85
C TRP D 149 4.00 15.93 8.49
N TYR D 150 3.41 16.46 7.40
CA TYR D 150 3.66 15.85 6.10
C TYR D 150 5.05 16.19 5.56
N SER D 151 5.52 17.43 5.77
CA SER D 151 6.88 17.74 5.36
C SER D 151 7.88 16.91 6.16
N ALA D 152 7.57 16.60 7.42
CA ALA D 152 8.42 15.70 8.18
C ALA D 152 8.42 14.31 7.55
N GLU D 153 7.24 13.78 7.25
CA GLU D 153 7.17 12.47 6.61
C GLU D 153 7.96 12.44 5.31
N GLN D 154 7.82 13.50 4.49
N GLN D 154 7.86 13.50 4.50
CA GLN D 154 8.58 13.59 3.24
CA GLN D 154 8.60 13.51 3.24
C GLN D 154 10.07 13.55 3.50
C GLN D 154 10.10 13.58 3.46
N PHE D 155 10.55 14.28 4.51
CA PHE D 155 11.96 14.23 4.86
C PHE D 155 12.37 12.82 5.22
N CYS D 156 11.55 12.14 6.03
CA CYS D 156 11.85 10.75 6.39
C CYS D 156 11.91 9.87 5.14
N VAL D 157 11.00 10.08 4.20
CA VAL D 157 10.98 9.28 2.98
C VAL D 157 12.26 9.50 2.17
N SER D 158 12.75 10.74 2.12
CA SER D 158 13.98 11.00 1.40
C SER D 158 15.17 10.32 2.05
N ARG D 159 15.06 9.97 3.34
CA ARG D 159 16.06 9.19 4.05
C ARG D 159 15.68 7.71 4.16
N ASN D 160 14.84 7.22 3.24
CA ASN D 160 14.51 5.80 3.20
C ASN D 160 13.87 5.36 4.52
N SER D 161 12.98 6.19 5.06
CA SER D 161 12.37 5.95 6.36
C SER D 161 10.97 6.52 6.38
N HIS D 162 10.33 6.40 7.55
CA HIS D 162 9.00 6.95 7.80
C HIS D 162 8.97 7.53 9.20
N LEU D 163 8.05 8.47 9.44
CA LEU D 163 7.78 8.88 10.81
C LEU D 163 7.47 7.63 11.62
N THR D 164 7.99 7.58 12.85
CA THR D 164 8.07 6.32 13.56
C THR D 164 6.69 5.83 14.01
N SER D 165 6.49 4.53 13.89
CA SER D 165 5.42 3.84 14.59
C SER D 165 5.89 3.46 16.00
N VAL D 166 4.94 3.09 16.85
CA VAL D 166 5.20 2.69 18.23
C VAL D 166 4.34 1.47 18.53
N THR D 167 4.97 0.31 18.70
CA THR D 167 4.21 -0.94 18.83
C THR D 167 4.63 -1.77 20.05
N SER D 168 5.32 -1.16 21.00
CA SER D 168 5.60 -1.85 22.25
C SER D 168 5.89 -0.83 23.34
N GLU D 169 5.78 -1.29 24.59
CA GLU D 169 6.10 -0.42 25.72
C GLU D 169 7.57 -0.02 25.70
N SER D 170 8.47 -0.95 25.36
CA SER D 170 9.89 -0.62 25.34
C SER D 170 10.23 0.38 24.26
N GLU D 171 9.56 0.32 23.10
CA GLU D 171 9.79 1.34 22.08
C GLU D 171 9.25 2.69 22.53
N GLN D 172 8.05 2.71 23.10
CA GLN D 172 7.52 3.96 23.65
C GLN D 172 8.49 4.54 24.68
N GLU D 173 9.01 3.69 25.58
CA GLU D 173 9.94 4.15 26.60
C GLU D 173 11.21 4.72 25.98
N PHE D 174 11.79 4.00 25.01
CA PHE D 174 12.99 4.51 24.35
C PHE D 174 12.74 5.86 23.68
N LEU D 175 11.57 6.04 23.08
CA LEU D 175 11.27 7.28 22.37
C LEU D 175 11.04 8.45 23.35
N TYR D 176 10.18 8.26 24.36
CA TYR D 176 9.92 9.39 25.25
C TYR D 176 11.16 9.74 26.06
N LYS D 177 11.96 8.74 26.45
CA LYS D 177 13.18 9.04 27.19
C LYS D 177 14.16 9.81 26.33
N THR D 178 14.37 9.38 25.09
CA THR D 178 15.27 10.09 24.20
C THR D 178 14.72 11.48 23.87
N ALA D 179 13.40 11.60 23.72
CA ALA D 179 12.79 12.89 23.41
C ALA D 179 13.05 13.93 24.49
N GLY D 180 13.26 13.49 25.73
CA GLY D 180 13.68 14.40 26.78
C GLY D 180 12.76 15.57 27.04
N GLY D 181 11.45 15.40 26.82
CA GLY D 181 10.48 16.44 27.14
C GLY D 181 10.18 17.41 26.02
N LEU D 182 10.81 17.26 24.86
CA LEU D 182 10.49 18.04 23.67
C LEU D 182 9.45 17.30 22.85
N ILE D 183 8.68 18.06 22.06
CA ILE D 183 7.58 17.51 21.27
C ILE D 183 8.11 17.07 19.90
N TYR D 184 7.80 15.83 19.52
CA TYR D 184 8.18 15.27 18.23
C TYR D 184 6.97 14.66 17.54
N TRP D 185 6.73 15.05 16.28
CA TRP D 185 5.82 14.30 15.43
C TRP D 185 6.23 12.84 15.37
N ILE D 186 5.25 11.94 15.46
CA ILE D 186 5.48 10.55 15.12
C ILE D 186 4.52 10.17 14.00
N GLY D 187 4.49 8.90 13.61
CA GLY D 187 3.76 8.48 12.42
C GLY D 187 2.26 8.35 12.59
N LEU D 188 1.71 8.93 13.67
CA LEU D 188 0.28 8.86 13.94
C LEU D 188 -0.51 9.78 13.02
N THR D 189 -1.54 9.25 12.37
CA THR D 189 -2.38 10.08 11.54
C THR D 189 -3.72 9.40 11.30
N LYS D 190 -4.77 10.21 11.18
CA LYS D 190 -6.08 9.67 10.87
C LYS D 190 -6.15 9.25 9.41
N ALA D 191 -6.93 8.20 9.15
CA ALA D 191 -7.07 7.70 7.79
C ALA D 191 -8.40 6.99 7.64
N GLY D 192 -8.71 6.63 6.40
CA GLY D 192 -9.97 5.99 6.08
C GLY D 192 -11.16 6.90 6.24
N MET D 193 -12.32 6.43 5.80
CA MET D 193 -13.53 7.23 5.88
C MET D 193 -13.91 7.54 7.32
N GLU D 194 -13.62 6.64 8.26
CA GLU D 194 -14.02 6.82 9.65
C GLU D 194 -13.07 7.73 10.43
N GLY D 195 -11.89 8.02 9.90
CA GLY D 195 -10.94 8.83 10.63
C GLY D 195 -10.29 8.12 11.79
N ASP D 196 -10.13 6.81 11.71
CA ASP D 196 -9.44 6.06 12.74
C ASP D 196 -7.94 6.32 12.65
N TRP D 197 -7.28 6.28 13.80
CA TRP D 197 -5.85 6.50 13.85
C TRP D 197 -5.11 5.37 13.15
N SER D 198 -4.00 5.74 12.51
CA SER D 198 -3.23 4.82 11.69
C SER D 198 -1.76 5.22 11.77
N TRP D 199 -0.90 4.30 11.32
CA TRP D 199 0.53 4.52 11.20
C TRP D 199 0.90 4.76 9.75
N VAL D 200 1.66 5.84 9.50
CA VAL D 200 2.00 6.15 8.11
C VAL D 200 2.93 5.09 7.53
N ASP D 201 3.67 4.34 8.36
CA ASP D 201 4.51 3.27 7.80
C ASP D 201 3.73 2.00 7.52
N ASP D 202 2.40 2.05 7.67
CA ASP D 202 1.44 1.00 7.31
C ASP D 202 1.40 -0.13 8.33
N THR D 203 2.10 -0.02 9.44
CA THR D 203 1.85 -0.92 10.55
C THR D 203 0.36 -0.86 10.89
N PRO D 204 -0.33 -2.00 10.95
CA PRO D 204 -1.70 -2.00 11.48
C PRO D 204 -1.76 -1.33 12.84
N PHE D 205 -2.75 -0.45 13.05
CA PHE D 205 -2.87 0.30 14.29
C PHE D 205 -3.69 -0.52 15.28
N ASN D 206 -3.12 -0.78 16.45
CA ASN D 206 -3.77 -1.58 17.48
C ASN D 206 -4.40 -0.61 18.46
N LYS D 207 -5.70 -0.35 18.28
CA LYS D 207 -6.36 0.66 19.09
C LYS D 207 -6.38 0.25 20.56
N VAL D 208 -6.68 -1.03 20.83
CA VAL D 208 -6.77 -1.52 22.20
C VAL D 208 -5.44 -1.30 22.91
N GLN D 209 -4.35 -1.76 22.31
CA GLN D 209 -3.05 -1.72 22.98
C GLN D 209 -2.40 -0.34 22.95
N SER D 210 -2.88 0.56 22.09
CA SER D 210 -2.33 1.90 22.02
C SER D 210 -2.99 2.88 22.98
N VAL D 211 -4.15 2.55 23.56
CA VAL D 211 -4.88 3.56 24.31
C VAL D 211 -4.10 3.98 25.54
N ARG D 212 -3.23 3.11 26.08
CA ARG D 212 -2.41 3.45 27.22
C ARG D 212 -1.24 4.36 26.88
N PHE D 213 -1.04 4.67 25.60
CA PHE D 213 0.07 5.52 25.17
C PHE D 213 -0.34 6.97 24.96
N TRP D 214 -1.64 7.28 24.99
CA TRP D 214 -2.08 8.66 24.87
C TRP D 214 -2.00 9.37 26.22
N ILE D 215 -1.71 10.66 26.17
CA ILE D 215 -1.87 11.51 27.35
C ILE D 215 -3.31 11.40 27.84
N PRO D 216 -3.57 11.37 29.14
CA PRO D 216 -4.96 11.33 29.61
C PRO D 216 -5.76 12.47 29.00
N GLY D 217 -6.91 12.13 28.43
CA GLY D 217 -7.78 13.09 27.81
C GLY D 217 -7.59 13.23 26.31
N GLU D 218 -6.47 12.75 25.78
CA GLU D 218 -6.22 12.78 24.35
C GLU D 218 -6.52 11.41 23.75
N PRO D 219 -6.83 11.35 22.44
CA PRO D 219 -6.95 12.49 21.52
C PRO D 219 -8.25 13.25 21.71
N ASN D 220 -8.19 14.58 21.77
CA ASN D 220 -9.36 15.40 22.04
C ASN D 220 -9.80 16.23 20.83
N ASN D 221 -9.12 16.12 19.69
CA ASN D 221 -9.51 16.76 18.44
C ASN D 221 -9.90 18.22 18.67
N ALA D 222 -8.98 18.98 19.26
CA ALA D 222 -9.24 20.38 19.57
C ALA D 222 -9.53 21.15 18.29
N GLY D 223 -10.61 21.92 18.31
CA GLY D 223 -11.04 22.65 17.14
C GLY D 223 -11.48 21.80 15.99
N ASN D 224 -11.67 20.49 16.19
CA ASN D 224 -12.04 19.57 15.12
C ASN D 224 -10.99 19.56 14.03
N ASN D 225 -9.72 19.69 14.41
CA ASN D 225 -8.67 19.87 13.42
C ASN D 225 -7.34 19.24 13.86
N GLU D 226 -7.37 18.21 14.70
CA GLU D 226 -6.14 17.57 15.17
C GLU D 226 -6.10 16.14 14.65
N HIS D 227 -5.58 15.99 13.43
CA HIS D 227 -5.62 14.72 12.70
C HIS D 227 -4.25 14.05 12.58
N CYS D 228 -3.23 14.57 13.28
CA CYS D 228 -1.92 13.94 13.36
C CYS D 228 -1.50 13.88 14.83
N GLY D 229 -0.50 13.06 15.14
CA GLY D 229 -0.11 12.83 16.52
C GLY D 229 1.38 12.96 16.76
N ASN D 230 1.72 13.39 17.98
CA ASN D 230 3.10 13.59 18.38
C ASN D 230 3.35 12.95 19.75
N ILE D 231 4.64 12.79 20.07
CA ILE D 231 5.07 12.46 21.42
C ILE D 231 5.27 13.77 22.17
N LYS D 232 4.59 13.93 23.29
CA LYS D 232 4.59 15.20 24.01
C LYS D 232 5.08 15.06 25.44
N ALA D 233 4.53 14.11 26.21
CA ALA D 233 4.87 14.00 27.63
C ALA D 233 5.91 12.91 27.84
N PRO D 234 6.91 13.14 28.76
CA PRO D 234 7.90 12.08 29.08
C PRO D 234 7.32 11.04 30.04
N SER D 235 6.46 10.19 29.48
CA SER D 235 5.76 9.17 30.24
C SER D 235 5.28 8.13 29.24
N LEU D 236 4.87 6.97 29.74
CA LEU D 236 4.25 6.01 28.83
C LEU D 236 2.96 6.59 28.25
N GLN D 237 2.28 7.47 29.00
CA GLN D 237 1.18 8.27 28.46
C GLN D 237 1.78 9.53 27.86
N ALA D 238 2.13 9.45 26.58
CA ALA D 238 2.93 10.47 25.92
C ALA D 238 2.25 11.17 24.76
N TRP D 239 1.34 10.51 24.04
CA TRP D 239 0.90 11.04 22.75
C TRP D 239 -0.18 12.12 22.90
N ASN D 240 -0.12 13.09 21.98
CA ASN D 240 -1.17 14.10 21.82
C ASN D 240 -1.49 14.23 20.34
N ASP D 241 -2.76 14.49 20.03
CA ASP D 241 -3.15 14.85 18.68
C ASP D 241 -3.11 16.36 18.51
N ALA D 242 -2.63 16.79 17.35
CA ALA D 242 -2.41 18.20 17.05
C ALA D 242 -2.67 18.42 15.57
N PRO D 243 -2.87 19.67 15.13
CA PRO D 243 -3.12 19.91 13.70
C PRO D 243 -1.91 19.56 12.86
N CYS D 244 -2.16 18.81 11.79
CA CYS D 244 -1.09 18.34 10.91
C CYS D 244 -0.25 19.49 10.34
N ASP D 245 -0.83 20.69 10.23
CA ASP D 245 -0.14 21.82 9.64
C ASP D 245 0.72 22.61 10.64
N LYS D 246 0.77 22.19 11.91
CA LYS D 246 1.67 22.83 12.85
C LYS D 246 3.07 22.23 12.75
N THR D 247 4.08 23.03 13.07
CA THR D 247 5.47 22.61 12.96
C THR D 247 6.00 22.14 14.29
N PHE D 248 6.59 20.94 14.30
CA PHE D 248 7.26 20.37 15.46
C PHE D 248 8.50 19.64 14.97
N LEU D 249 9.43 19.36 15.90
CA LEU D 249 10.47 18.38 15.65
C LEU D 249 9.80 17.06 15.27
N PHE D 250 10.54 16.09 14.73
CA PHE D 250 9.93 14.84 14.28
C PHE D 250 10.93 13.70 14.44
N ILE D 251 10.40 12.47 14.49
CA ILE D 251 11.20 11.26 14.63
C ILE D 251 10.95 10.34 13.44
N CYS D 252 12.01 10.01 12.71
CA CYS D 252 11.94 9.01 11.65
C CYS D 252 12.42 7.65 12.17
N LYS D 253 11.92 6.59 11.55
CA LYS D 253 12.34 5.23 11.85
C LYS D 253 12.60 4.46 10.57
N ARG D 254 13.70 3.71 10.53
N ARG D 254 13.69 3.70 10.54
CA ARG D 254 13.92 2.82 9.41
CA ARG D 254 14.01 2.85 9.40
C ARG D 254 14.55 1.53 9.92
C ARG D 254 14.56 1.53 9.93
N PRO D 255 14.17 0.40 9.35
CA PRO D 255 14.69 -0.88 9.85
C PRO D 255 16.17 -1.03 9.56
N TYR D 256 16.85 -1.71 10.47
CA TYR D 256 18.17 -2.24 10.17
C TYR D 256 18.02 -3.29 9.09
N VAL D 257 18.65 -3.06 7.95
CA VAL D 257 18.50 -3.96 6.81
C VAL D 257 19.86 -4.45 6.34
#